data_3S5T
#
_entry.id   3S5T
#
_cell.length_a   98.330
_cell.length_b   98.330
_cell.length_c   121.130
_cell.angle_alpha   90.000
_cell.angle_beta   90.000
_cell.angle_gamma   120.000
#
_symmetry.space_group_name_H-M   'P 65 2 2'
#
loop_
_entity.id
_entity.type
_entity.pdbx_description
1 polymer 'DUF3298 family protein'
2 non-polymer 'PHOSPHATE ION'
3 non-polymer (4S)-2-METHYL-2,4-PENTANEDIOL
4 non-polymer 'CHLORIDE ION'
5 water water
#
_entity_poly.entity_id   1
_entity_poly.type   'polypeptide(L)'
_entity_poly.pdbx_seq_one_letter_code
;GSCGDK(MSE)NKNTGALEFDSIQVNETAHLFGDTAKPACNLTINFAYPVKSTDNKLKDSLNSYFIAACFGEGYIGEKPA
QVVKEYTEHYVKEYRTDLEP(MSE)YAEDEKNKESEGSIGAWYSYYKGIESHVQLYYKNLLVYRINYNEYTGGAHGIY
(MSE)TTFLN(MSE)DLINLRPLKLDDIFTGDYKEALTDLLWNQL(MSE)ADKKVTTHEALED(MSE)GYGSTGDIAPTE
NFYLDKDGITFYYNVYDITPYA(MSE)GPVEIKIPYE(MSE)(MSE)EH(MSE)LGSNPIIGE(MSE)KSK
;
_entity_poly.pdbx_strand_id   A
#
# COMPACT_ATOMS: atom_id res chain seq x y z
N LYS A 9 26.35 7.83 5.77
CA LYS A 9 26.28 7.15 4.47
C LYS A 9 24.86 7.19 3.86
N ASN A 10 23.81 6.97 4.67
CA ASN A 10 22.43 7.03 4.17
C ASN A 10 21.89 8.44 4.37
N THR A 11 21.23 9.00 3.33
CA THR A 11 20.74 10.38 3.31
C THR A 11 19.76 10.65 4.43
N GLY A 12 20.11 11.65 5.24
CA GLY A 12 19.34 12.11 6.38
C GLY A 12 19.55 11.34 7.67
N ALA A 13 20.37 10.26 7.63
CA ALA A 13 20.68 9.35 8.75
C ALA A 13 19.39 9.10 9.54
N LEU A 14 18.40 8.51 8.88
CA LEU A 14 17.08 8.30 9.46
C LEU A 14 16.99 7.12 10.40
N GLU A 15 16.27 7.35 11.50
CA GLU A 15 15.94 6.36 12.52
C GLU A 15 14.42 6.25 12.57
N PHE A 16 13.90 5.03 12.66
CA PHE A 16 12.46 4.81 12.61
C PHE A 16 11.90 4.13 13.86
N ASP A 17 10.62 4.33 14.06
CA ASP A 17 9.81 3.70 15.11
C ASP A 17 8.43 3.51 14.54
N SER A 18 7.53 2.86 15.28
CA SER A 18 6.18 2.63 14.82
C SER A 18 5.17 2.86 15.93
N ILE A 19 3.96 3.20 15.51
CA ILE A 19 2.78 3.41 16.34
C ILE A 19 1.84 2.25 16.08
N GLN A 20 1.48 1.55 17.13
CA GLN A 20 0.59 0.41 17.03
C GLN A 20 -0.73 0.75 17.68
N VAL A 21 -1.82 0.43 17.01
CA VAL A 21 -3.17 0.63 17.50
C VAL A 21 -3.97 -0.60 17.17
N ASN A 22 -4.76 -1.07 18.14
CA ASN A 22 -5.65 -2.20 17.95
CA ASN A 22 -5.65 -2.21 17.96
C ASN A 22 -6.90 -1.90 18.76
N GLU A 23 -7.99 -1.71 18.06
CA GLU A 23 -9.26 -1.32 18.61
C GLU A 23 -10.42 -2.21 18.11
N THR A 24 -11.25 -2.65 19.07
CA THR A 24 -12.50 -3.36 18.82
C THR A 24 -13.61 -2.47 19.36
N ALA A 25 -14.51 -2.05 18.53
CA ALA A 25 -15.63 -1.21 18.97
C ALA A 25 -16.89 -1.86 18.55
N HIS A 26 -17.74 -2.20 19.50
CA HIS A 26 -19.01 -2.87 19.22
C HIS A 26 -20.12 -1.90 18.97
N LEU A 27 -21.10 -2.32 18.17
CA LEU A 27 -22.33 -1.52 17.96
C LEU A 27 -22.99 -1.35 19.32
N PHE A 28 -23.45 -0.14 19.64
CA PHE A 28 -24.15 0.19 20.91
C PHE A 28 -23.26 -0.03 22.13
N GLY A 29 -21.94 -0.16 21.92
CA GLY A 29 -20.99 -0.44 23.02
C GLY A 29 -21.33 -1.72 23.77
N ASP A 30 -21.91 -2.71 23.08
CA ASP A 30 -22.35 -3.97 23.67
C ASP A 30 -21.54 -5.13 23.07
N THR A 31 -20.79 -5.85 23.90
CA THR A 31 -19.93 -6.99 23.57
C THR A 31 -20.72 -8.10 22.84
N ALA A 32 -22.00 -8.31 23.17
CA ALA A 32 -22.77 -9.34 22.45
C ALA A 32 -23.11 -8.93 20.99
N LYS A 33 -22.95 -7.64 20.65
CA LYS A 33 -23.31 -7.11 19.31
C LYS A 33 -22.12 -7.15 18.34
N PRO A 34 -22.36 -7.03 17.01
CA PRO A 34 -21.23 -7.00 16.06
C PRO A 34 -20.28 -5.84 16.33
N ALA A 35 -19.04 -5.98 15.85
CA ALA A 35 -18.00 -5.01 16.12
C ALA A 35 -17.21 -4.65 14.87
N CYS A 36 -16.48 -3.53 14.94
CA CYS A 36 -15.50 -3.19 13.93
C CYS A 36 -14.18 -3.42 14.58
N ASN A 37 -13.19 -3.82 13.83
CA ASN A 37 -11.87 -4.09 14.40
C ASN A 37 -10.84 -3.39 13.55
N LEU A 38 -10.04 -2.49 14.15
CA LEU A 38 -9.04 -1.72 13.45
C LEU A 38 -7.65 -2.05 13.95
N THR A 39 -6.70 -2.23 13.02
CA THR A 39 -5.32 -2.52 13.34
C THR A 39 -4.44 -1.55 12.61
N ILE A 40 -3.58 -0.84 13.36
CA ILE A 40 -2.62 0.08 12.76
C ILE A 40 -1.21 -0.27 13.25
N ASN A 41 -0.25 -0.37 12.33
CA ASN A 41 1.16 -0.60 12.62
C ASN A 41 1.93 0.32 11.67
N PHE A 42 2.10 1.57 12.10
CA PHE A 42 2.59 2.63 11.27
C PHE A 42 4.04 3.02 11.55
N ALA A 43 4.94 2.78 10.57
CA ALA A 43 6.35 3.17 10.67
C ALA A 43 6.54 4.60 10.20
N TYR A 44 7.32 5.37 10.95
CA TYR A 44 7.58 6.77 10.66
C TYR A 44 8.99 7.17 11.15
N PRO A 45 9.68 8.13 10.49
CA PRO A 45 11.00 8.52 10.99
C PRO A 45 10.89 9.34 12.30
N VAL A 46 11.68 8.97 13.32
CA VAL A 46 11.67 9.65 14.61
C VAL A 46 12.83 10.64 14.71
N LYS A 47 14.00 10.28 14.16
CA LYS A 47 15.21 11.08 14.20
C LYS A 47 15.84 11.23 12.81
N SER A 48 16.36 12.45 12.52
CA SER A 48 17.06 12.79 11.28
C SER A 48 18.02 13.96 11.47
N THR A 49 19.10 14.00 10.68
CA THR A 49 20.10 15.08 10.65
C THR A 49 19.64 16.17 9.66
N ASP A 50 18.42 16.02 9.13
CA ASP A 50 17.75 16.91 8.18
C ASP A 50 16.26 16.83 8.49
N ASN A 51 15.79 17.69 9.42
CA ASN A 51 14.38 17.70 9.85
C ASN A 51 13.40 18.09 8.72
N LYS A 52 13.89 18.77 7.65
CA LYS A 52 13.09 19.14 6.47
C LYS A 52 12.70 17.86 5.73
N LEU A 53 13.67 16.94 5.59
CA LEU A 53 13.54 15.64 4.97
C LEU A 53 12.63 14.75 5.84
N LYS A 54 12.76 14.84 7.18
CA LYS A 54 11.97 14.09 8.15
C LYS A 54 10.48 14.47 8.08
N ASP A 55 10.18 15.79 7.99
CA ASP A 55 8.81 16.30 7.92
C ASP A 55 8.17 15.90 6.59
N SER A 56 8.95 16.00 5.50
CA SER A 56 8.55 15.64 4.13
C SER A 56 8.10 14.18 4.09
N LEU A 57 8.98 13.27 4.58
CA LEU A 57 8.72 11.82 4.64
C LEU A 57 7.48 11.52 5.49
N ASN A 58 7.34 12.14 6.68
CA ASN A 58 6.18 11.95 7.55
C ASN A 58 4.88 12.35 6.83
N SER A 59 4.89 13.46 6.08
CA SER A 59 3.75 13.93 5.30
C SER A 59 3.34 12.91 4.27
N TYR A 60 4.31 12.34 3.54
CA TYR A 60 3.99 11.34 2.52
C TYR A 60 3.48 10.06 3.14
N PHE A 61 4.10 9.58 4.22
CA PHE A 61 3.68 8.36 4.89
C PHE A 61 2.28 8.51 5.46
N ILE A 62 1.97 9.68 6.09
CA ILE A 62 0.65 9.95 6.65
C ILE A 62 -0.38 10.04 5.52
N ALA A 63 -0.07 10.82 4.46
CA ALA A 63 -0.94 11.01 3.31
C ALA A 63 -1.31 9.66 2.67
N ALA A 64 -0.30 8.79 2.48
CA ALA A 64 -0.47 7.48 1.84
C ALA A 64 -1.25 6.49 2.74
N CYS A 65 -1.01 6.50 4.07
CA CYS A 65 -1.67 5.53 4.96
C CYS A 65 -3.03 5.97 5.44
N PHE A 66 -3.20 7.27 5.72
CA PHE A 66 -4.42 7.78 6.37
C PHE A 66 -5.18 8.86 5.60
N GLY A 67 -4.47 9.62 4.75
CA GLY A 67 -5.08 10.70 3.96
C GLY A 67 -4.42 12.04 4.17
N GLU A 68 -4.63 12.95 3.21
CA GLU A 68 -4.02 14.30 3.24
C GLU A 68 -4.53 15.17 4.39
N GLY A 69 -5.78 14.97 4.82
CA GLY A 69 -6.36 15.75 5.93
C GLY A 69 -5.59 15.70 7.23
N TYR A 70 -4.80 14.62 7.43
CA TYR A 70 -4.00 14.39 8.62
C TYR A 70 -2.59 15.01 8.56
N ILE A 71 -2.20 15.69 7.44
CA ILE A 71 -0.88 16.34 7.32
C ILE A 71 -0.75 17.41 8.42
N GLY A 72 0.46 17.59 8.94
CA GLY A 72 0.73 18.61 9.94
C GLY A 72 0.62 18.16 11.38
N GLU A 73 0.07 16.97 11.62
CA GLU A 73 -0.06 16.47 12.99
C GLU A 73 1.02 15.42 13.29
N LYS A 74 1.30 15.23 14.60
CA LYS A 74 2.23 14.21 15.07
C LYS A 74 1.57 12.82 14.81
N PRO A 75 2.34 11.80 14.37
CA PRO A 75 1.75 10.51 14.00
C PRO A 75 0.86 9.88 15.09
N ALA A 76 1.20 10.09 16.38
CA ALA A 76 0.41 9.60 17.51
C ALA A 76 -1.01 10.20 17.50
N GLN A 77 -1.09 11.52 17.17
CA GLN A 77 -2.33 12.30 17.06
CA GLN A 77 -2.36 12.24 17.10
C GLN A 77 -3.15 11.79 15.85
N VAL A 78 -2.47 11.62 14.70
CA VAL A 78 -3.03 11.15 13.42
C VAL A 78 -3.74 9.83 13.64
N VAL A 79 -3.02 8.85 14.22
CA VAL A 79 -3.50 7.50 14.46
C VAL A 79 -4.70 7.54 15.43
N LYS A 80 -4.65 8.40 16.46
CA LYS A 80 -5.76 8.59 17.40
C LYS A 80 -7.03 9.11 16.65
N GLU A 81 -6.90 10.19 15.87
CA GLU A 81 -7.99 10.78 15.10
C GLU A 81 -8.54 9.81 14.06
N TYR A 82 -7.62 9.06 13.40
CA TYR A 82 -8.03 8.10 12.38
C TYR A 82 -8.87 6.99 12.98
N THR A 83 -8.45 6.47 14.16
CA THR A 83 -9.13 5.41 14.89
C THR A 83 -10.53 5.89 15.30
N GLU A 84 -10.63 7.10 15.89
CA GLU A 84 -11.94 7.62 16.31
C GLU A 84 -12.87 7.78 15.13
N HIS A 85 -12.34 8.35 14.03
CA HIS A 85 -13.13 8.55 12.82
C HIS A 85 -13.70 7.23 12.30
N TYR A 86 -12.89 6.15 12.28
CA TYR A 86 -13.29 4.83 11.79
C TYR A 86 -14.43 4.23 12.65
N VAL A 87 -14.29 4.30 13.97
CA VAL A 87 -15.27 3.77 14.92
C VAL A 87 -16.63 4.52 14.78
N LYS A 88 -16.59 5.85 14.71
CA LYS A 88 -17.78 6.69 14.58
C LYS A 88 -18.45 6.51 13.20
N GLU A 89 -17.65 6.42 12.13
CA GLU A 89 -18.17 6.10 10.79
C GLU A 89 -18.97 4.80 10.86
N TYR A 90 -18.40 3.79 11.51
CA TYR A 90 -18.98 2.46 11.65
C TYR A 90 -20.25 2.51 12.48
N ARG A 91 -20.18 3.03 13.71
CA ARG A 91 -21.34 3.07 14.61
C ARG A 91 -22.50 3.91 14.10
N THR A 92 -22.22 5.15 13.65
CA THR A 92 -23.31 6.06 13.23
C THR A 92 -24.00 5.52 11.96
N ASP A 93 -23.31 4.74 11.14
CA ASP A 93 -23.96 4.14 9.97
C ASP A 93 -24.70 2.82 10.35
N LEU A 94 -24.02 1.89 10.99
CA LEU A 94 -24.53 0.55 11.22
C LEU A 94 -25.45 0.38 12.42
N GLU A 95 -25.39 1.23 13.45
CA GLU A 95 -26.32 1.10 14.58
C GLU A 95 -27.79 1.26 14.11
N PRO A 96 -28.20 2.35 13.38
CA PRO A 96 -29.61 2.43 12.96
C PRO A 96 -29.96 1.30 11.96
N TYR A 98 -28.64 -1.85 11.95
CA TYR A 98 -28.79 -3.03 12.77
C TYR A 98 -30.12 -2.99 13.51
N ALA A 99 -30.50 -1.82 14.10
CA ALA A 99 -31.79 -1.70 14.79
C ALA A 99 -32.95 -1.99 13.84
N GLU A 100 -32.86 -1.56 12.55
CA GLU A 100 -33.86 -1.80 11.51
CA GLU A 100 -33.91 -1.83 11.58
C GLU A 100 -33.92 -3.30 11.16
N ASP A 101 -32.74 -3.93 10.88
CA ASP A 101 -32.68 -5.36 10.51
C ASP A 101 -33.25 -6.21 11.67
N GLU A 102 -33.08 -5.76 12.93
CA GLU A 102 -33.56 -6.38 14.16
C GLU A 102 -35.09 -6.23 14.29
N LYS A 103 -35.63 -5.02 13.98
CA LYS A 103 -37.06 -4.68 14.01
C LYS A 103 -37.86 -5.58 13.07
N ASN A 104 -37.23 -6.06 11.99
CA ASN A 104 -37.84 -6.96 11.02
C ASN A 104 -37.54 -8.43 11.39
N LYS A 105 -36.25 -8.73 11.71
CA LYS A 105 -35.69 -10.06 12.07
C LYS A 105 -35.90 -11.09 10.96
N SER A 110 -33.12 -14.47 12.27
CA SER A 110 -31.89 -13.84 12.75
C SER A 110 -31.29 -12.86 11.72
N ILE A 111 -30.67 -11.77 12.25
CA ILE A 111 -29.96 -10.69 11.53
C ILE A 111 -28.72 -11.31 10.89
N GLY A 112 -28.09 -10.61 10.00
CA GLY A 112 -26.92 -11.21 9.39
C GLY A 112 -25.59 -10.81 9.98
N ALA A 113 -24.55 -11.48 9.43
CA ALA A 113 -23.11 -11.35 9.70
C ALA A 113 -22.52 -10.28 8.76
N TRP A 114 -23.40 -9.43 8.29
CA TRP A 114 -23.17 -8.30 7.40
C TRP A 114 -22.56 -7.09 8.19
N TYR A 115 -22.41 -7.23 9.54
CA TYR A 115 -22.03 -6.13 10.42
C TYR A 115 -20.64 -6.23 11.07
N SER A 116 -19.90 -7.30 10.79
CA SER A 116 -18.56 -7.49 11.35
C SER A 116 -17.56 -6.86 10.41
N TYR A 117 -16.92 -5.75 10.82
CA TYR A 117 -15.98 -5.01 9.97
C TYR A 117 -14.58 -5.11 10.51
N TYR A 118 -13.62 -5.12 9.58
CA TYR A 118 -12.19 -5.22 9.81
CA TYR A 118 -12.20 -5.18 9.84
C TYR A 118 -11.45 -4.28 8.88
N LYS A 119 -10.45 -3.60 9.39
CA LYS A 119 -9.57 -2.72 8.63
C LYS A 119 -8.20 -2.80 9.26
N GLY A 120 -7.21 -3.09 8.44
CA GLY A 120 -5.83 -3.22 8.87
C GLY A 120 -4.94 -2.39 7.99
N ILE A 121 -4.08 -1.58 8.61
CA ILE A 121 -3.08 -0.74 7.96
C ILE A 121 -1.74 -1.01 8.61
N GLU A 122 -0.78 -1.55 7.86
CA GLU A 122 0.57 -1.82 8.34
C GLU A 122 1.58 -1.17 7.40
N SER A 123 2.64 -0.55 7.94
CA SER A 123 3.66 0.03 7.05
C SER A 123 5.01 -0.15 7.64
N HIS A 124 6.02 -0.38 6.80
CA HIS A 124 7.39 -0.51 7.30
C HIS A 124 8.39 -0.15 6.22
N VAL A 125 9.63 0.12 6.65
CA VAL A 125 10.73 0.45 5.74
C VAL A 125 11.25 -0.88 5.17
N GLN A 126 11.17 -1.02 3.83
CA GLN A 126 11.60 -2.21 3.08
C GLN A 126 13.08 -2.09 2.70
N LEU A 127 13.51 -0.88 2.30
CA LEU A 127 14.91 -0.61 1.91
C LEU A 127 15.27 0.83 2.27
N TYR A 128 16.50 1.05 2.76
CA TYR A 128 16.99 2.38 3.06
C TYR A 128 18.48 2.37 2.77
N TYR A 129 18.83 2.76 1.54
CA TYR A 129 20.20 2.78 1.04
C TYR A 129 20.49 4.09 0.30
N LYS A 130 21.55 4.78 0.74
CA LYS A 130 22.04 6.05 0.19
C LYS A 130 20.88 7.06 0.02
N ASN A 131 20.48 7.38 -1.22
CA ASN A 131 19.41 8.35 -1.48
C ASN A 131 18.04 7.72 -1.71
N LEU A 132 17.89 6.42 -1.38
CA LEU A 132 16.61 5.74 -1.58
C LEU A 132 16.01 5.17 -0.31
N LEU A 133 14.70 5.36 -0.16
CA LEU A 133 13.90 4.83 0.92
C LEU A 133 12.67 4.16 0.33
N VAL A 134 12.58 2.82 0.41
CA VAL A 134 11.42 2.07 -0.08
C VAL A 134 10.49 1.75 1.12
N TYR A 135 9.30 2.32 1.09
CA TYR A 135 8.25 2.22 2.11
C TYR A 135 7.12 1.31 1.62
N ARG A 136 6.87 0.23 2.38
CA ARG A 136 5.83 -0.71 1.99
C ARG A 136 4.59 -0.54 2.93
N ILE A 137 3.43 -0.35 2.31
CA ILE A 137 2.13 -0.23 2.97
C ILE A 137 1.27 -1.47 2.65
N ASN A 138 0.81 -2.18 3.68
CA ASN A 138 -0.10 -3.31 3.59
C ASN A 138 -1.44 -2.89 4.15
N TYR A 139 -2.46 -3.02 3.32
CA TYR A 139 -3.81 -2.63 3.66
C TYR A 139 -4.81 -3.77 3.48
N ASN A 140 -5.72 -3.93 4.43
CA ASN A 140 -6.78 -4.91 4.26
C ASN A 140 -8.04 -4.42 4.89
N GLU A 141 -9.16 -4.78 4.28
CA GLU A 141 -10.49 -4.37 4.74
C GLU A 141 -11.53 -5.42 4.43
N TYR A 142 -12.51 -5.55 5.33
CA TYR A 142 -13.66 -6.45 5.21
C TYR A 142 -14.88 -5.73 5.75
N THR A 143 -15.96 -5.67 4.96
CA THR A 143 -17.21 -4.99 5.39
C THR A 143 -18.41 -5.91 5.16
N GLY A 144 -18.23 -7.20 5.42
CA GLY A 144 -19.27 -8.17 5.14
C GLY A 144 -19.18 -8.54 3.66
N GLY A 145 -19.90 -9.54 3.28
CA GLY A 145 -19.81 -9.92 1.89
C GLY A 145 -19.03 -11.19 1.80
N ALA A 146 -18.82 -11.63 0.58
CA ALA A 146 -18.16 -12.87 0.34
C ALA A 146 -16.72 -12.80 0.81
N HIS A 147 -16.07 -11.65 0.56
CA HIS A 147 -14.67 -11.46 0.93
C HIS A 147 -14.38 -10.01 0.99
N GLY A 148 -13.21 -9.67 1.50
CA GLY A 148 -12.79 -8.28 1.53
C GLY A 148 -11.81 -7.98 0.43
N ILE A 149 -10.97 -6.96 0.64
CA ILE A 149 -9.94 -6.52 -0.28
C ILE A 149 -8.65 -6.34 0.49
N TYR A 150 -7.55 -6.63 -0.16
CA TYR A 150 -6.22 -6.44 0.40
C TYR A 150 -5.32 -5.86 -0.66
N THR A 152 -1.20 -4.05 -1.42
CA THR A 152 0.17 -3.67 -1.06
C THR A 152 0.55 -2.50 -1.98
N THR A 153 0.99 -1.40 -1.37
CA THR A 153 1.39 -0.16 -2.03
C THR A 153 2.88 0.10 -1.70
N PHE A 154 3.62 0.69 -2.65
CA PHE A 154 5.02 1.04 -2.42
C PHE A 154 5.24 2.51 -2.70
N LEU A 155 6.13 3.12 -1.90
CA LEU A 155 6.62 4.48 -2.09
C LEU A 155 8.13 4.38 -2.22
N ASN A 156 8.68 4.86 -3.35
CA ASN A 156 10.13 4.92 -3.61
C ASN A 156 10.54 6.35 -3.38
N ASP A 158 12.59 9.45 -2.98
CA ASP A 158 13.79 10.08 -3.50
C ASP A 158 14.21 11.05 -2.39
N LEU A 159 15.30 10.71 -1.67
CA LEU A 159 15.77 11.46 -0.49
C LEU A 159 16.53 12.75 -0.85
N ILE A 160 16.62 13.09 -2.16
CA ILE A 160 17.19 14.34 -2.65
C ILE A 160 16.03 15.29 -3.03
N ASN A 161 15.10 14.81 -3.86
CA ASN A 161 13.98 15.61 -4.37
C ASN A 161 12.78 15.61 -3.43
N LEU A 162 12.89 14.87 -2.30
CA LEU A 162 11.90 14.76 -1.22
C LEU A 162 10.48 14.46 -1.75
N ARG A 163 10.38 13.45 -2.63
CA ARG A 163 9.12 13.02 -3.24
C ARG A 163 9.20 11.57 -3.74
N PRO A 164 8.06 10.84 -3.89
CA PRO A 164 8.13 9.48 -4.43
C PRO A 164 8.46 9.47 -5.94
N LEU A 165 9.25 8.48 -6.38
CA LEU A 165 9.58 8.29 -7.79
C LEU A 165 8.39 7.74 -8.54
N LYS A 166 8.15 8.28 -9.73
CA LYS A 166 7.10 7.78 -10.61
C LYS A 166 7.81 7.13 -11.80
N LEU A 167 7.08 6.42 -12.66
CA LEU A 167 7.69 5.75 -13.81
C LEU A 167 8.42 6.75 -14.70
N ASP A 168 7.87 7.98 -14.90
CA ASP A 168 8.52 8.99 -15.76
C ASP A 168 9.73 9.66 -15.06
N ASP A 169 10.04 9.28 -13.81
CA ASP A 169 11.26 9.76 -13.13
C ASP A 169 12.40 8.75 -13.33
N ILE A 170 12.02 7.49 -13.65
CA ILE A 170 12.91 6.34 -13.81
C ILE A 170 13.13 6.01 -15.28
N PHE A 171 12.13 6.30 -16.14
CA PHE A 171 12.22 6.04 -17.58
C PHE A 171 12.14 7.32 -18.41
N THR A 172 12.90 7.33 -19.54
CA THR A 172 12.93 8.43 -20.51
C THR A 172 11.94 8.12 -21.67
N GLY A 173 11.53 9.17 -22.39
CA GLY A 173 10.64 9.12 -23.55
C GLY A 173 9.32 8.38 -23.39
N ASP A 174 8.84 7.73 -24.50
CA ASP A 174 7.59 6.95 -24.55
C ASP A 174 7.93 5.45 -24.44
N TYR A 175 7.91 4.97 -23.19
CA TYR A 175 8.29 3.65 -22.69
C TYR A 175 7.11 2.73 -22.33
N LYS A 176 5.85 3.21 -22.36
CA LYS A 176 4.71 2.40 -21.92
C LYS A 176 4.56 1.09 -22.71
N GLU A 177 4.54 1.18 -24.05
CA GLU A 177 4.38 0.03 -24.93
C GLU A 177 5.54 -0.94 -24.78
N ALA A 178 6.79 -0.39 -24.70
CA ALA A 178 8.02 -1.14 -24.50
C ALA A 178 8.01 -1.93 -23.19
N LEU A 179 7.78 -1.24 -22.05
CA LEU A 179 7.66 -1.86 -20.73
C LEU A 179 6.57 -2.93 -20.70
N THR A 180 5.44 -2.71 -21.41
CA THR A 180 4.35 -3.69 -21.46
C THR A 180 4.88 -5.02 -22.04
N ASP A 181 5.64 -4.94 -23.14
CA ASP A 181 6.21 -6.13 -23.76
C ASP A 181 7.25 -6.79 -22.84
N LEU A 182 8.07 -6.01 -22.11
CA LEU A 182 9.05 -6.57 -21.17
C LEU A 182 8.35 -7.37 -20.06
N LEU A 183 7.26 -6.79 -19.52
CA LEU A 183 6.46 -7.39 -18.45
C LEU A 183 5.86 -8.72 -18.90
N TRP A 184 5.25 -8.76 -20.12
CA TRP A 184 4.71 -9.98 -20.72
C TRP A 184 5.80 -11.06 -20.89
N ASN A 185 6.95 -10.65 -21.46
CA ASN A 185 8.10 -11.53 -21.73
C ASN A 185 8.66 -12.14 -20.45
N GLN A 186 8.78 -11.32 -19.38
CA GLN A 186 9.27 -11.78 -18.09
C GLN A 186 8.30 -12.78 -17.43
N LEU A 187 6.98 -12.49 -17.44
CA LEU A 187 5.95 -13.37 -16.86
C LEU A 187 5.93 -14.71 -17.60
N ALA A 189 8.53 -16.12 -19.05
CA ALA A 189 9.71 -16.83 -18.54
C ALA A 189 9.44 -17.43 -17.14
N ASP A 190 8.94 -16.61 -16.18
CA ASP A 190 8.61 -17.05 -14.81
C ASP A 190 7.65 -18.24 -14.80
N LYS A 191 6.66 -18.28 -15.72
CA LYS A 191 5.66 -19.36 -15.76
C LYS A 191 6.03 -20.43 -16.80
N LYS A 192 7.30 -20.43 -17.28
CA LYS A 192 7.86 -21.40 -18.24
C LYS A 192 6.92 -21.62 -19.45
N VAL A 193 6.46 -20.53 -20.09
CA VAL A 193 5.55 -20.61 -21.24
C VAL A 193 6.05 -19.69 -22.37
N THR A 194 5.58 -19.93 -23.62
CA THR A 194 6.07 -19.21 -24.81
C THR A 194 4.98 -18.40 -25.55
N THR A 195 3.77 -18.32 -25.00
CA THR A 195 2.67 -17.57 -25.63
C THR A 195 1.94 -16.69 -24.60
N HIS A 196 1.28 -15.62 -25.10
CA HIS A 196 0.41 -14.73 -24.35
C HIS A 196 -0.82 -15.52 -23.94
N GLU A 197 -1.27 -16.43 -24.85
CA GLU A 197 -2.42 -17.32 -24.69
C GLU A 197 -2.18 -18.33 -23.58
N ALA A 198 -0.97 -18.97 -23.56
CA ALA A 198 -0.57 -19.91 -22.49
C ALA A 198 -0.70 -19.25 -21.11
N LEU A 199 -0.25 -17.97 -20.97
CA LEU A 199 -0.37 -17.18 -19.74
C LEU A 199 -1.83 -16.90 -19.45
N GLU A 200 -2.57 -16.45 -20.49
CA GLU A 200 -3.99 -16.13 -20.40
C GLU A 200 -4.82 -17.34 -19.96
N ASP A 201 -4.44 -18.56 -20.39
CA ASP A 201 -5.15 -19.79 -20.00
C ASP A 201 -4.90 -20.12 -18.54
N GLY A 203 -4.81 -17.71 -16.44
CA GLY A 203 -5.53 -16.58 -15.86
C GLY A 203 -4.85 -15.22 -15.95
N TYR A 204 -3.55 -15.19 -16.34
CA TYR A 204 -2.77 -13.94 -16.41
C TYR A 204 -3.22 -13.11 -17.58
N GLY A 205 -3.64 -11.88 -17.30
CA GLY A 205 -4.16 -11.01 -18.33
C GLY A 205 -5.64 -11.25 -18.61
N SER A 206 -6.31 -12.11 -17.81
CA SER A 206 -7.73 -12.40 -18.03
C SER A 206 -8.65 -11.27 -17.51
N THR A 207 -8.14 -10.34 -16.66
CA THR A 207 -8.98 -9.21 -16.23
C THR A 207 -8.56 -7.94 -16.99
N GLY A 208 -7.48 -8.02 -17.76
CA GLY A 208 -6.98 -6.92 -18.56
C GLY A 208 -5.52 -7.05 -18.93
N ASP A 209 -5.05 -6.19 -19.87
CA ASP A 209 -3.65 -6.17 -20.33
C ASP A 209 -2.67 -5.84 -19.20
N ILE A 210 -1.46 -6.42 -19.30
CA ILE A 210 -0.37 -6.24 -18.36
C ILE A 210 0.41 -4.96 -18.70
N ALA A 211 -0.22 -3.78 -18.46
CA ALA A 211 0.39 -2.47 -18.65
C ALA A 211 1.34 -2.12 -17.47
N PRO A 212 2.36 -1.23 -17.63
CA PRO A 212 3.21 -0.91 -16.47
C PRO A 212 2.41 -0.16 -15.43
N THR A 213 2.68 -0.46 -14.15
CA THR A 213 2.00 0.14 -13.00
C THR A 213 2.92 1.08 -12.23
N GLU A 214 2.34 2.09 -11.56
CA GLU A 214 3.07 3.02 -10.69
C GLU A 214 3.35 2.35 -9.36
N ASN A 215 2.77 1.15 -9.14
CA ASN A 215 2.99 0.36 -7.95
C ASN A 215 4.20 -0.56 -8.18
N PHE A 216 5.39 -0.02 -7.99
CA PHE A 216 6.65 -0.76 -8.18
C PHE A 216 7.62 -0.47 -7.07
N TYR A 217 8.71 -1.26 -6.99
CA TYR A 217 9.79 -0.98 -6.04
C TYR A 217 11.15 -1.34 -6.63
N LEU A 218 12.14 -0.52 -6.30
CA LEU A 218 13.51 -0.72 -6.75
C LEU A 218 14.26 -1.56 -5.74
N ASP A 219 15.22 -2.36 -6.20
CA ASP A 219 16.10 -3.12 -5.31
C ASP A 219 17.46 -3.26 -6.02
N LYS A 220 18.42 -3.99 -5.43
CA LYS A 220 19.76 -4.13 -6.01
C LYS A 220 19.78 -4.79 -7.42
N ASP A 221 18.74 -5.57 -7.79
CA ASP A 221 18.71 -6.29 -9.07
C ASP A 221 17.88 -5.63 -10.16
N GLY A 222 16.80 -4.97 -9.80
CA GLY A 222 15.92 -4.36 -10.81
C GLY A 222 14.68 -3.73 -10.24
N ILE A 223 13.64 -3.66 -11.06
CA ILE A 223 12.36 -3.08 -10.70
C ILE A 223 11.33 -4.19 -10.60
N THR A 224 10.64 -4.28 -9.46
CA THR A 224 9.56 -5.23 -9.26
C THR A 224 8.25 -4.47 -9.41
N PHE A 225 7.43 -4.87 -10.40
CA PHE A 225 6.09 -4.30 -10.64
C PHE A 225 5.12 -5.14 -9.85
N TYR A 226 4.38 -4.48 -8.97
CA TYR A 226 3.50 -5.17 -8.07
C TYR A 226 2.03 -5.03 -8.49
N TYR A 227 1.44 -6.17 -8.90
CA TYR A 227 0.03 -6.18 -9.30
C TYR A 227 -0.80 -6.70 -8.17
N ASN A 228 -1.71 -5.85 -7.67
CA ASN A 228 -2.67 -6.24 -6.63
C ASN A 228 -3.77 -7.08 -7.24
N VAL A 229 -4.59 -7.72 -6.38
CA VAL A 229 -5.75 -8.50 -6.80
C VAL A 229 -6.60 -7.68 -7.77
N TYR A 230 -7.08 -8.31 -8.86
CA TYR A 230 -7.93 -7.74 -9.93
C TYR A 230 -7.14 -7.06 -11.04
N ASP A 231 -5.93 -6.53 -10.75
CA ASP A 231 -5.16 -5.78 -11.76
C ASP A 231 -5.02 -6.53 -13.04
N ILE A 232 -4.44 -7.74 -13.02
CA ILE A 232 -4.24 -8.51 -14.24
C ILE A 232 -4.76 -9.95 -14.10
N THR A 233 -5.11 -10.35 -12.89
CA THR A 233 -5.64 -11.69 -12.61
C THR A 233 -6.93 -11.63 -11.82
N PRO A 234 -7.77 -12.71 -11.83
CA PRO A 234 -8.97 -12.70 -10.98
C PRO A 234 -8.57 -12.62 -9.52
N TYR A 235 -9.47 -12.09 -8.66
CA TYR A 235 -9.24 -11.93 -7.22
C TYR A 235 -8.60 -13.17 -6.56
N ALA A 236 -9.15 -14.38 -6.83
CA ALA A 236 -8.76 -15.66 -6.24
C ALA A 236 -7.31 -16.04 -6.51
N GLY A 238 -4.71 -13.99 -6.27
CA GLY A 238 -3.86 -13.16 -5.43
C GLY A 238 -2.99 -12.18 -6.20
N PRO A 239 -2.08 -11.49 -5.49
CA PRO A 239 -1.19 -10.55 -6.17
C PRO A 239 -0.14 -11.26 -7.02
N VAL A 240 0.53 -10.52 -7.90
CA VAL A 240 1.59 -11.08 -8.76
C VAL A 240 2.66 -10.02 -8.95
N GLU A 241 3.92 -10.44 -8.84
CA GLU A 241 5.09 -9.60 -9.01
C GLU A 241 5.80 -9.95 -10.29
N ILE A 242 6.23 -8.93 -11.03
CA ILE A 242 6.99 -9.14 -12.26
C ILE A 242 8.24 -8.31 -12.10
N LYS A 243 9.40 -8.98 -12.05
CA LYS A 243 10.65 -8.30 -11.82
C LYS A 243 11.47 -8.24 -13.08
N ILE A 244 11.87 -7.01 -13.46
CA ILE A 244 12.72 -6.77 -14.62
C ILE A 244 14.13 -6.38 -14.13
N PRO A 245 15.17 -7.17 -14.41
CA PRO A 245 16.53 -6.74 -14.02
C PRO A 245 16.91 -5.42 -14.71
N TYR A 246 17.78 -4.61 -14.08
CA TYR A 246 18.28 -3.37 -14.68
C TYR A 246 18.99 -3.65 -16.01
N GLU A 247 19.67 -4.82 -16.15
CA GLU A 247 20.42 -5.22 -17.36
C GLU A 247 19.56 -5.24 -18.62
N GLU A 250 18.72 -1.18 -19.49
CA GLU A 250 19.86 -0.24 -19.46
C GLU A 250 19.62 1.11 -20.20
N HIS A 251 19.24 1.06 -21.49
CA HIS A 251 19.07 2.23 -22.36
C HIS A 251 17.76 3.02 -22.11
N LEU A 253 16.42 3.51 -18.98
CA LEU A 253 16.55 4.11 -17.65
C LEU A 253 17.08 5.56 -17.69
N GLY A 254 16.54 6.38 -16.77
CA GLY A 254 16.84 7.80 -16.62
C GLY A 254 18.17 8.10 -15.95
N SER A 255 18.41 9.39 -15.68
CA SER A 255 19.67 9.88 -15.12
C SER A 255 19.66 10.00 -13.57
N ASN A 256 18.51 9.75 -12.90
CA ASN A 256 18.41 9.83 -11.43
C ASN A 256 19.53 9.02 -10.77
N PRO A 257 20.37 9.63 -9.88
CA PRO A 257 21.49 8.88 -9.29
C PRO A 257 21.08 7.63 -8.48
N ILE A 258 19.79 7.52 -8.06
CA ILE A 258 19.28 6.35 -7.32
C ILE A 258 19.44 5.08 -8.18
N ILE A 259 19.19 5.19 -9.50
CA ILE A 259 19.31 4.10 -10.46
C ILE A 259 20.76 3.55 -10.41
N GLY A 260 21.75 4.46 -10.51
CA GLY A 260 23.16 4.12 -10.43
C GLY A 260 23.54 3.47 -9.11
N GLU A 261 23.02 4.04 -7.99
CA GLU A 261 23.18 3.54 -6.62
C GLU A 261 22.61 2.13 -6.47
N LYS A 263 22.06 -0.14 -9.03
CA LYS A 263 22.89 -0.95 -9.94
C LYS A 263 24.24 -1.31 -9.32
N SER A 264 24.83 -0.37 -8.55
CA SER A 264 26.13 -0.53 -7.90
C SER A 264 26.04 -1.46 -6.69
N LYS A 265 24.94 -1.37 -5.91
CA LYS A 265 24.67 -2.20 -4.72
C LYS A 265 24.57 -3.70 -5.11
#